data_7NLY
#
_entry.id   7NLY
#
_cell.length_a   174.940
_cell.length_b   174.940
_cell.length_c   72.960
_cell.angle_alpha   90.000
_cell.angle_beta   90.000
_cell.angle_gamma   120.000
#
_symmetry.space_group_name_H-M   'H 3 2'
#
loop_
_entity.id
_entity.type
_entity.pdbx_description
1 polymer 'Acetylglutamate kinase'
2 non-polymer 'SULFATE ION'
3 non-polymer 2-chloranyl-1~{H}-benzimidazole
4 water water
#
_entity_poly.entity_id   1
_entity_poly.type   'polypeptide(L)'
_entity_poly.pdbx_seq_one_letter_code
;GSMVSRIEALPTHIKAQVLAEALPWLKQLHGKVVVVKYGGNAMTDDTLRRAFAADMAFLRNCGIHPVVVHGGGPQITAML
RRLGIEGDFKGGFRVTTPEVLDVARMVLFGQVGRELVNLINAHGPYAVGITGEDAQLFTAVRRSVTVDGVATDIGLVGDV
DQVNTAAMLDLVAAGRIPVVSTLAPDADGVVHNINADTAAAAVAEALGAEKLLMLTDIDGLYTRWPDRDSLVSEIDTGTL
AQLLPTLESGMVPKVEACLRAVIGGVPSAHIIDGRVTHCVLVELFTDAGTGTKVVRG
;
_entity_poly.pdbx_strand_id   A
#
# COMPACT_ATOMS: atom_id res chain seq x y z
N SER A 5 -14.51 6.98 23.95
CA SER A 5 -14.71 8.02 24.96
C SER A 5 -15.15 7.41 26.28
N ARG A 6 -16.44 7.11 26.42
CA ARG A 6 -16.98 6.42 27.59
C ARG A 6 -16.57 4.94 27.60
N ILE A 7 -15.36 4.64 27.09
CA ILE A 7 -14.84 3.28 27.00
C ILE A 7 -14.32 2.77 28.33
N GLU A 8 -14.34 3.59 29.38
CA GLU A 8 -14.01 3.06 30.69
C GLU A 8 -15.22 2.41 31.36
N ALA A 9 -16.41 2.53 30.77
CA ALA A 9 -17.56 1.76 31.24
C ALA A 9 -17.42 0.27 30.94
N LEU A 10 -16.47 -0.12 30.10
CA LEU A 10 -16.25 -1.53 29.78
C LEU A 10 -15.43 -2.21 30.89
N PRO A 11 -15.94 -3.29 31.49
CA PRO A 11 -15.18 -3.95 32.56
C PRO A 11 -13.75 -4.25 32.16
N THR A 12 -12.89 -4.24 33.17
CA THR A 12 -11.47 -4.39 32.94
C THR A 12 -11.08 -5.85 32.66
N HIS A 13 -11.96 -6.81 32.99
CA HIS A 13 -11.63 -8.20 32.67
C HIS A 13 -11.90 -8.54 31.20
N ILE A 14 -12.60 -7.68 30.46
CA ILE A 14 -12.72 -7.80 28.99
C ILE A 14 -11.62 -7.02 28.27
N LYS A 15 -11.21 -5.86 28.81
CA LYS A 15 -10.03 -5.18 28.29
C LYS A 15 -8.84 -6.13 28.30
N ALA A 16 -8.73 -6.95 29.34
CA ALA A 16 -7.67 -7.94 29.45
C ALA A 16 -7.76 -8.97 28.34
N GLN A 17 -8.92 -9.61 28.18
CA GLN A 17 -9.03 -10.66 27.19
C GLN A 17 -8.82 -10.13 25.77
N VAL A 18 -9.14 -8.86 25.52
CA VAL A 18 -8.89 -8.29 24.20
C VAL A 18 -7.40 -8.24 23.94
N LEU A 19 -6.63 -7.78 24.92
CA LEU A 19 -5.19 -7.74 24.79
C LEU A 19 -4.61 -9.15 24.73
N ALA A 20 -5.09 -10.06 25.57
CA ALA A 20 -4.51 -11.40 25.55
C ALA A 20 -4.72 -12.07 24.19
N GLU A 21 -5.84 -11.80 23.53
CA GLU A 21 -6.11 -12.45 22.24
C GLU A 21 -5.25 -11.90 21.10
N ALA A 22 -4.46 -10.85 21.33
CA ALA A 22 -3.48 -10.41 20.35
C ALA A 22 -2.23 -11.27 20.31
N LEU A 23 -2.02 -12.13 21.31
CA LEU A 23 -0.72 -12.79 21.45
C LEU A 23 -0.34 -13.69 20.28
N PRO A 24 -1.21 -14.59 19.78
CA PRO A 24 -0.76 -15.44 18.65
C PRO A 24 -0.32 -14.63 17.44
N TRP A 25 -0.91 -13.45 17.24
CA TRP A 25 -0.47 -12.63 16.12
C TRP A 25 0.78 -11.81 16.44
N LEU A 26 0.98 -11.42 17.71
CA LEU A 26 2.28 -10.86 18.09
C LEU A 26 3.41 -11.85 17.81
N LYS A 27 3.21 -13.13 18.13
CA LYS A 27 4.24 -14.17 17.89
C LYS A 27 4.51 -14.33 16.40
N GLN A 28 3.44 -14.53 15.61
CA GLN A 28 3.57 -14.72 14.17
C GLN A 28 4.36 -13.59 13.53
N LEU A 29 4.09 -12.35 13.92
CA LEU A 29 4.67 -11.21 13.24
C LEU A 29 5.95 -10.69 13.88
N HIS A 30 6.33 -11.18 15.06
CA HIS A 30 7.53 -10.68 15.71
C HIS A 30 8.77 -10.88 14.84
N GLY A 31 9.44 -9.78 14.52
CA GLY A 31 10.66 -9.80 13.73
C GLY A 31 10.43 -9.82 12.23
N LYS A 32 9.21 -9.66 11.78
CA LYS A 32 8.87 -9.87 10.38
C LYS A 32 8.56 -8.57 9.69
N VAL A 33 8.66 -8.59 8.37
CA VAL A 33 8.34 -7.45 7.53
C VAL A 33 6.85 -7.48 7.19
N VAL A 34 6.18 -6.33 7.30
CA VAL A 34 4.79 -6.15 6.90
C VAL A 34 4.76 -4.92 6.02
N VAL A 35 4.37 -5.10 4.74
CA VAL A 35 4.27 -3.97 3.81
C VAL A 35 2.83 -3.53 3.77
N VAL A 36 2.61 -2.23 3.89
CA VAL A 36 1.28 -1.65 3.99
C VAL A 36 1.14 -0.62 2.88
N LYS A 37 0.20 -0.84 1.96
CA LYS A 37 -0.16 0.17 0.97
C LYS A 37 -1.21 1.08 1.57
N TYR A 38 -0.87 2.35 1.66
CA TYR A 38 -1.68 3.36 2.32
C TYR A 38 -2.19 4.30 1.24
N GLY A 39 -3.52 4.39 1.13
CA GLY A 39 -4.18 5.30 0.21
C GLY A 39 -5.66 5.42 0.55
N GLY A 40 -6.40 6.10 -0.32
CA GLY A 40 -7.82 6.28 -0.04
C GLY A 40 -8.13 7.31 1.05
N ASN A 41 -9.33 7.16 1.64
CA ASN A 41 -9.75 8.07 2.71
C ASN A 41 -8.92 7.94 3.97
N ALA A 42 -8.29 6.78 4.20
CA ALA A 42 -7.35 6.66 5.30
C ALA A 42 -6.20 7.64 5.17
N MET A 43 -6.06 8.27 3.99
CA MET A 43 -5.06 9.26 3.71
C MET A 43 -5.64 10.68 3.63
N THR A 44 -6.97 10.83 3.57
CA THR A 44 -7.57 12.14 3.44
C THR A 44 -8.25 12.64 4.71
N ASP A 45 -8.59 11.77 5.65
CA ASP A 45 -9.24 12.21 6.87
C ASP A 45 -8.24 12.24 8.01
N ASP A 46 -8.30 13.31 8.82
CA ASP A 46 -7.25 13.52 9.80
C ASP A 46 -7.30 12.51 10.92
N THR A 47 -8.50 12.11 11.36
CA THR A 47 -8.59 11.08 12.40
C THR A 47 -8.04 9.74 11.93
N LEU A 48 -8.44 9.29 10.72
CA LEU A 48 -7.89 8.03 10.20
C LEU A 48 -6.39 8.12 9.98
N ARG A 49 -5.91 9.23 9.41
CA ARG A 49 -4.47 9.42 9.23
C ARG A 49 -3.72 9.29 10.54
N ARG A 50 -4.14 10.01 11.58
CA ARG A 50 -3.41 9.94 12.84
C ARG A 50 -3.51 8.56 13.47
N ALA A 51 -4.61 7.84 13.25
CA ALA A 51 -4.69 6.46 13.70
C ALA A 51 -3.73 5.59 12.91
N PHE A 52 -3.68 5.75 11.58
CA PHE A 52 -2.74 4.95 10.78
C PHE A 52 -1.31 5.16 11.26
N ALA A 53 -0.91 6.42 11.46
CA ALA A 53 0.45 6.73 11.91
C ALA A 53 0.73 6.10 13.28
N ALA A 54 -0.27 6.11 14.17
CA ALA A 54 -0.13 5.49 15.48
C ALA A 54 0.06 3.98 15.35
N ASP A 55 -0.65 3.34 14.43
CA ASP A 55 -0.53 1.90 14.26
C ASP A 55 0.84 1.49 13.73
N MET A 56 1.41 2.30 12.82
CA MET A 56 2.79 2.04 12.39
C MET A 56 3.77 2.17 13.55
N ALA A 57 3.54 3.12 14.47
CA ALA A 57 4.35 3.19 15.69
C ALA A 57 4.09 1.98 16.59
N PHE A 58 2.84 1.56 16.70
CA PHE A 58 2.50 0.35 17.43
C PHE A 58 3.34 -0.82 16.92
N LEU A 59 3.23 -1.14 15.63
CA LEU A 59 4.00 -2.24 15.05
C LEU A 59 5.47 -2.15 15.43
N ARG A 60 6.06 -0.97 15.21
CA ARG A 60 7.47 -0.80 15.48
C ARG A 60 7.81 -0.95 16.96
N ASN A 61 6.89 -0.59 17.86
CA ASN A 61 7.15 -0.82 19.28
C ASN A 61 6.74 -2.23 19.74
N CYS A 62 6.38 -3.10 18.79
CA CYS A 62 6.22 -4.52 19.05
C CYS A 62 7.37 -5.34 18.50
N GLY A 63 8.39 -4.70 17.92
CA GLY A 63 9.43 -5.44 17.23
C GLY A 63 9.01 -5.97 15.88
N ILE A 64 7.93 -5.43 15.31
CA ILE A 64 7.49 -5.74 13.94
C ILE A 64 8.05 -4.66 13.05
N HIS A 65 8.32 -5.01 11.79
CA HIS A 65 8.99 -4.11 10.85
C HIS A 65 8.06 -3.66 9.72
N PRO A 66 7.29 -2.59 9.90
CA PRO A 66 6.42 -2.12 8.82
C PRO A 66 7.16 -1.38 7.73
N VAL A 67 6.63 -1.45 6.52
CA VAL A 67 7.11 -0.68 5.37
C VAL A 67 5.88 -0.09 4.70
N VAL A 68 5.85 1.23 4.57
CA VAL A 68 4.69 1.94 4.03
C VAL A 68 4.95 2.32 2.58
N VAL A 69 4.01 1.96 1.69
CA VAL A 69 3.98 2.44 0.31
C VAL A 69 2.73 3.28 0.13
N HIS A 70 2.86 4.47 -0.43
CA HIS A 70 1.72 5.37 -0.61
C HIS A 70 1.57 5.80 -2.06
N GLY A 71 0.33 6.05 -2.45
CA GLY A 71 0.00 6.72 -3.70
C GLY A 71 -0.36 8.17 -3.46
N GLY A 72 -1.25 8.68 -4.30
CA GLY A 72 -1.62 10.08 -4.20
C GLY A 72 -2.06 10.64 -5.54
N GLY A 73 -2.71 9.80 -6.34
CA GLY A 73 -3.19 10.19 -7.64
C GLY A 73 -3.97 11.48 -7.70
N PRO A 74 -5.01 11.62 -6.87
CA PRO A 74 -5.81 12.86 -6.91
C PRO A 74 -5.01 14.11 -6.60
N GLN A 75 -3.98 14.03 -5.77
CA GLN A 75 -3.22 15.22 -5.40
C GLN A 75 -2.34 15.67 -6.54
N ILE A 76 -1.77 14.71 -7.30
CA ILE A 76 -1.03 15.05 -8.52
C ILE A 76 -1.92 15.83 -9.46
N THR A 77 -3.11 15.30 -9.75
CA THR A 77 -3.95 15.98 -10.73
C THR A 77 -4.45 17.33 -10.22
N ALA A 78 -4.65 17.51 -8.91
CA ALA A 78 -5.00 18.85 -8.46
C ALA A 78 -3.82 19.82 -8.64
N MET A 79 -2.59 19.37 -8.39
CA MET A 79 -1.44 20.26 -8.60
C MET A 79 -1.26 20.60 -10.07
N LEU A 80 -1.47 19.62 -10.98
CA LEU A 80 -1.40 19.91 -12.42
C LEU A 80 -2.36 21.00 -12.82
N ARG A 81 -3.62 20.94 -12.34
CA ARG A 81 -4.57 21.99 -12.68
C ARG A 81 -4.15 23.33 -12.08
N ARG A 82 -3.65 23.34 -10.86
CA ARG A 82 -3.17 24.62 -10.31
C ARG A 82 -2.08 25.21 -11.17
N LEU A 83 -1.13 24.38 -11.63
CA LEU A 83 -0.07 24.86 -12.52
C LEU A 83 -0.54 25.08 -13.96
N GLY A 84 -1.82 24.84 -14.27
CA GLY A 84 -2.30 25.08 -15.61
C GLY A 84 -1.66 24.19 -16.66
N ILE A 85 -1.24 22.99 -16.28
CA ILE A 85 -0.58 22.05 -17.18
C ILE A 85 -1.66 21.17 -17.83
N GLU A 86 -1.94 21.43 -19.10
CA GLU A 86 -2.99 20.70 -19.80
C GLU A 86 -2.56 19.28 -20.11
N GLY A 87 -3.49 18.33 -19.91
CA GLY A 87 -3.17 16.93 -20.05
C GLY A 87 -3.43 16.39 -21.44
N ASP A 88 -2.71 15.33 -21.78
CA ASP A 88 -2.96 14.55 -22.99
C ASP A 88 -3.39 13.16 -22.56
N PHE A 89 -4.40 12.62 -23.22
CA PHE A 89 -5.08 11.41 -22.78
C PHE A 89 -5.23 10.43 -23.94
N LYS A 90 -4.44 9.36 -23.93
CA LYS A 90 -4.70 8.20 -24.77
C LYS A 90 -5.53 7.21 -23.95
N GLY A 91 -6.63 6.73 -24.54
CA GLY A 91 -7.58 5.99 -23.75
C GLY A 91 -8.09 6.86 -22.62
N GLY A 92 -8.19 6.28 -21.43
CA GLY A 92 -8.51 7.07 -20.27
C GLY A 92 -7.30 7.44 -19.44
N PHE A 93 -6.11 7.43 -20.05
CA PHE A 93 -4.85 7.58 -19.33
C PHE A 93 -4.15 8.88 -19.72
N ARG A 94 -3.85 9.71 -18.73
CA ARG A 94 -3.02 10.88 -18.96
C ARG A 94 -1.60 10.47 -19.35
N VAL A 95 -1.07 11.10 -20.41
CA VAL A 95 0.31 10.83 -20.80
C VAL A 95 1.25 11.50 -19.81
N THR A 96 2.28 10.78 -19.35
CA THR A 96 3.23 11.35 -18.38
C THR A 96 4.43 11.92 -19.12
N THR A 97 4.33 13.18 -19.52
CA THR A 97 5.45 13.91 -20.09
C THR A 97 6.52 14.12 -19.02
N PRO A 98 7.73 14.56 -19.43
CA PRO A 98 8.73 14.94 -18.42
C PRO A 98 8.19 15.92 -17.40
N GLU A 99 7.40 16.88 -17.87
CA GLU A 99 6.81 17.91 -16.98
C GLU A 99 5.88 17.25 -15.94
N VAL A 100 5.00 16.35 -16.39
CA VAL A 100 4.03 15.71 -15.47
C VAL A 100 4.80 14.92 -14.40
N LEU A 101 5.88 14.26 -14.78
CA LEU A 101 6.63 13.44 -13.81
C LEU A 101 7.26 14.34 -12.75
N ASP A 102 7.91 15.41 -13.18
CA ASP A 102 8.50 16.37 -12.21
C ASP A 102 7.43 16.75 -11.20
N VAL A 103 6.21 17.04 -11.67
CA VAL A 103 5.09 17.38 -10.75
C VAL A 103 4.76 16.15 -9.91
N ALA A 104 4.58 14.98 -10.53
CA ALA A 104 4.20 13.81 -9.74
C ALA A 104 5.21 13.57 -8.65
N ARG A 105 6.50 13.66 -8.99
CA ARG A 105 7.55 13.39 -8.03
C ARG A 105 7.50 14.41 -6.88
N MET A 106 7.42 15.68 -7.22
CA MET A 106 7.38 16.73 -6.23
C MET A 106 6.20 16.58 -5.28
N VAL A 107 5.05 16.22 -5.80
CA VAL A 107 3.83 16.05 -5.00
C VAL A 107 3.93 14.81 -4.12
N LEU A 108 4.29 13.66 -4.70
CA LEU A 108 4.33 12.44 -3.89
C LEU A 108 5.43 12.51 -2.85
N PHE A 109 6.64 12.90 -3.26
CA PHE A 109 7.76 12.81 -2.34
C PHE A 109 7.84 14.06 -1.45
N GLY A 110 7.52 15.23 -1.97
CA GLY A 110 7.71 16.46 -1.24
C GLY A 110 6.48 17.03 -0.58
N GLN A 111 5.32 16.36 -0.69
CA GLN A 111 4.11 16.78 -0.01
C GLN A 111 3.48 15.57 0.68
N VAL A 112 3.08 14.56 -0.09
CA VAL A 112 2.28 13.47 0.46
C VAL A 112 3.12 12.62 1.43
N GLY A 113 4.32 12.21 1.01
CA GLY A 113 5.18 11.44 1.91
C GLY A 113 5.62 12.23 3.14
N ARG A 114 5.81 13.54 2.99
CA ARG A 114 6.23 14.37 4.13
C ARG A 114 5.20 14.32 5.25
N GLU A 115 3.91 14.40 4.91
CA GLU A 115 2.91 14.45 5.98
C GLU A 115 2.84 13.12 6.72
N LEU A 116 3.02 12.01 6.01
CA LEU A 116 3.01 10.74 6.72
C LEU A 116 4.25 10.61 7.59
N VAL A 117 5.40 11.10 7.11
CA VAL A 117 6.64 11.04 7.90
C VAL A 117 6.48 11.83 9.20
N ASN A 118 5.85 13.01 9.13
CA ASN A 118 5.72 13.83 10.33
C ASN A 118 4.69 13.25 11.29
N LEU A 119 3.65 12.65 10.77
CA LEU A 119 2.64 12.06 11.61
C LEU A 119 3.23 10.92 12.38
N ILE A 120 3.92 10.04 11.69
CA ILE A 120 4.52 8.91 12.33
C ILE A 120 5.55 9.38 13.32
N ASN A 121 6.38 10.31 12.90
CA ASN A 121 7.44 10.78 13.77
C ASN A 121 7.00 11.56 14.99
N ALA A 122 5.71 11.70 15.18
CA ALA A 122 5.20 12.35 16.36
C ALA A 122 5.35 11.39 17.53
N HIS A 123 5.56 10.12 17.22
CA HIS A 123 5.70 9.08 18.21
C HIS A 123 7.14 8.68 18.42
N GLY A 124 8.04 9.19 17.60
CA GLY A 124 9.44 8.84 17.73
C GLY A 124 10.20 9.00 16.45
N PRO A 125 11.56 8.78 16.53
CA PRO A 125 12.29 8.95 15.28
C PRO A 125 12.24 7.72 14.43
N TYR A 126 11.07 7.42 13.89
CA TYR A 126 10.91 6.23 13.11
C TYR A 126 10.86 6.35 11.62
N ALA A 127 10.03 7.24 11.11
CA ALA A 127 9.86 7.39 9.68
C ALA A 127 10.98 8.02 8.87
N VAL A 128 11.16 7.50 7.69
CA VAL A 128 12.16 7.97 6.76
C VAL A 128 11.56 7.84 5.38
N GLY A 129 11.60 8.91 4.61
CA GLY A 129 11.04 8.90 3.28
C GLY A 129 12.02 8.59 2.19
N ILE A 130 11.56 7.92 1.16
CA ILE A 130 12.43 7.58 0.08
C ILE A 130 11.76 7.20 -1.21
N THR A 131 12.49 7.35 -2.28
CA THR A 131 12.08 6.80 -3.57
C THR A 131 13.14 5.81 -4.04
N GLY A 132 12.84 5.15 -5.17
CA GLY A 132 13.84 4.30 -5.79
C GLY A 132 15.12 5.04 -6.15
N GLU A 133 15.07 6.38 -6.24
CA GLU A 133 16.25 7.16 -6.56
C GLU A 133 17.27 7.10 -5.43
N ASP A 134 16.81 6.98 -4.18
CA ASP A 134 17.72 7.13 -3.05
C ASP A 134 18.54 5.85 -2.87
N ALA A 135 19.87 5.98 -2.85
CA ALA A 135 20.75 4.83 -2.68
C ALA A 135 20.45 3.71 -3.69
N GLN A 136 19.89 4.08 -4.85
CA GLN A 136 19.50 3.12 -5.90
C GLN A 136 18.69 1.98 -5.32
N LEU A 137 17.67 2.32 -4.50
CA LEU A 137 16.99 1.30 -3.74
C LEU A 137 16.11 0.43 -4.61
N PHE A 138 15.55 0.97 -5.69
CA PHE A 138 14.90 0.10 -6.67
C PHE A 138 14.86 0.83 -8.00
N THR A 139 14.69 0.04 -9.05
CA THR A 139 14.64 0.56 -10.40
C THR A 139 13.26 0.34 -11.00
N ALA A 140 13.02 1.01 -12.12
CA ALA A 140 11.77 0.88 -12.85
C ALA A 140 12.03 0.39 -14.26
N VAL A 141 11.02 -0.24 -14.86
CA VAL A 141 11.01 -0.56 -16.28
C VAL A 141 9.76 0.09 -16.89
N ARG A 142 9.95 0.79 -18.01
CA ARG A 142 8.84 1.48 -18.66
C ARG A 142 7.72 0.50 -18.99
N ARG A 143 6.49 0.91 -18.70
CA ARG A 143 5.33 0.07 -18.98
C ARG A 143 4.50 0.72 -20.08
N SER A 144 4.00 -0.12 -20.98
CA SER A 144 3.05 0.26 -22.00
C SER A 144 1.66 -0.18 -21.54
N VAL A 145 0.64 0.48 -22.09
CA VAL A 145 -0.73 0.14 -21.76
C VAL A 145 -1.44 -0.33 -23.03
N THR A 146 -2.38 -1.23 -22.86
CA THR A 146 -3.25 -1.63 -23.97
C THR A 146 -4.56 -0.86 -23.83
N VAL A 147 -5.00 -0.23 -24.92
CA VAL A 147 -6.17 0.63 -24.89
C VAL A 147 -7.07 0.28 -26.06
N ASP A 148 -8.30 -0.15 -25.76
CA ASP A 148 -9.24 -0.60 -26.78
C ASP A 148 -8.55 -1.54 -27.77
N GLY A 149 -7.54 -2.27 -27.31
CA GLY A 149 -6.85 -3.25 -28.12
C GLY A 149 -5.63 -2.79 -28.90
N VAL A 150 -4.74 -1.99 -28.30
CA VAL A 150 -3.41 -1.83 -28.87
C VAL A 150 -2.49 -1.27 -27.79
N ALA A 151 -1.30 -1.86 -27.68
CA ALA A 151 -0.33 -1.41 -26.70
C ALA A 151 0.21 -0.05 -27.12
N THR A 152 0.23 0.88 -26.18
CA THR A 152 0.48 2.29 -26.47
C THR A 152 1.36 2.88 -25.38
N ASP A 153 2.20 3.84 -25.76
CA ASP A 153 3.10 4.52 -24.84
C ASP A 153 2.35 5.70 -24.18
N ILE A 154 2.45 5.81 -22.86
CA ILE A 154 1.80 6.89 -22.12
C ILE A 154 2.85 7.58 -21.25
N GLY A 155 4.10 7.48 -21.67
CA GLY A 155 5.16 8.28 -21.09
C GLY A 155 5.92 7.62 -19.96
N LEU A 156 6.51 8.43 -19.12
CA LEU A 156 7.32 7.94 -18.03
C LEU A 156 6.58 7.23 -16.93
N VAL A 157 5.97 6.11 -17.25
CA VAL A 157 5.25 5.33 -16.28
C VAL A 157 5.77 3.92 -16.41
N GLY A 158 5.88 3.22 -15.30
CA GLY A 158 6.39 1.87 -15.35
C GLY A 158 6.10 0.96 -14.20
N ASP A 159 6.85 -0.12 -14.14
CA ASP A 159 6.71 -1.09 -13.08
C ASP A 159 8.02 -1.22 -12.36
N VAL A 160 7.98 -1.69 -11.14
CA VAL A 160 9.19 -1.88 -10.40
C VAL A 160 9.99 -2.95 -11.11
N ASP A 161 11.28 -2.71 -11.26
CA ASP A 161 12.12 -3.69 -11.91
C ASP A 161 12.88 -4.51 -10.89
N GLN A 162 13.98 -3.98 -10.39
CA GLN A 162 14.76 -4.68 -9.39
C GLN A 162 14.70 -3.93 -8.09
N VAL A 163 14.84 -4.65 -6.98
CA VAL A 163 14.81 -4.03 -5.69
C VAL A 163 16.06 -4.34 -4.93
N ASN A 164 16.65 -3.34 -4.31
CA ASN A 164 17.86 -3.56 -3.53
C ASN A 164 17.43 -4.17 -2.20
N THR A 165 17.13 -5.47 -2.25
CA THR A 165 16.62 -6.17 -1.08
C THR A 165 17.55 -6.03 0.12
N ALA A 166 18.87 -6.16 -0.10
CA ALA A 166 19.81 -6.06 1.02
C ALA A 166 19.75 -4.67 1.67
N ALA A 167 19.95 -3.61 0.89
CA ALA A 167 19.96 -2.27 1.47
C ALA A 167 18.62 -1.92 2.12
N MET A 168 17.52 -2.43 1.59
CA MET A 168 16.23 -2.07 2.16
C MET A 168 16.03 -2.67 3.56
N LEU A 169 16.56 -3.87 3.81
CA LEU A 169 16.41 -4.53 5.10
C LEU A 169 17.39 -4.01 6.15
N ASP A 170 18.56 -3.52 5.72
CA ASP A 170 19.41 -2.77 6.65
C ASP A 170 18.65 -1.57 7.21
N LEU A 171 17.99 -0.81 6.34
CA LEU A 171 17.24 0.37 6.76
C LEU A 171 16.18 0.02 7.79
N VAL A 172 15.52 -1.12 7.61
CA VAL A 172 14.50 -1.58 8.52
C VAL A 172 15.11 -2.10 9.81
N ALA A 173 16.21 -2.86 9.71
CA ALA A 173 16.87 -3.40 10.89
C ALA A 173 17.44 -2.31 11.78
N ALA A 174 17.79 -1.17 11.20
CA ALA A 174 18.16 -0.02 12.02
C ALA A 174 16.95 0.60 12.78
N GLY A 175 15.75 0.02 12.74
CA GLY A 175 14.57 0.55 13.42
C GLY A 175 13.81 1.62 12.66
N ARG A 176 14.08 1.80 11.37
CA ARG A 176 13.40 2.84 10.60
C ARG A 176 12.14 2.30 9.94
N ILE A 177 11.20 3.18 9.71
CA ILE A 177 10.00 2.83 9.02
C ILE A 177 10.05 3.53 7.69
N PRO A 178 10.41 2.74 6.61
CA PRO A 178 10.44 3.45 5.34
C PRO A 178 9.08 3.85 4.84
N VAL A 179 8.98 5.04 4.30
CA VAL A 179 7.77 5.53 3.72
C VAL A 179 8.16 5.73 2.28
N VAL A 180 7.66 4.87 1.44
CA VAL A 180 8.03 4.88 0.05
C VAL A 180 7.15 5.63 -0.93
N SER A 181 7.78 6.49 -1.71
CA SER A 181 7.12 7.23 -2.74
C SER A 181 7.59 6.49 -3.98
N THR A 182 6.66 5.95 -4.73
CA THR A 182 6.99 5.13 -5.88
C THR A 182 7.46 5.75 -7.19
N LEU A 183 8.67 6.27 -7.17
CA LEU A 183 9.27 6.82 -8.36
C LEU A 183 10.58 6.10 -8.42
N ALA A 184 11.12 5.84 -9.60
CA ALA A 184 12.36 5.07 -9.64
C ALA A 184 13.01 5.25 -11.00
N PRO A 185 14.33 5.26 -11.06
CA PRO A 185 14.99 5.41 -12.35
C PRO A 185 15.00 4.09 -13.09
N ASP A 186 14.92 4.17 -14.42
CA ASP A 186 15.14 3.00 -15.25
C ASP A 186 16.66 2.73 -15.34
N ALA A 187 17.07 1.85 -16.26
CA ALA A 187 18.48 1.52 -16.41
C ALA A 187 19.31 2.68 -16.98
N ASP A 188 18.69 3.61 -17.69
CA ASP A 188 19.40 4.78 -18.19
C ASP A 188 19.29 5.97 -17.25
N GLY A 189 18.77 5.78 -16.04
CA GLY A 189 18.71 6.85 -15.06
C GLY A 189 17.55 7.82 -15.21
N VAL A 190 16.60 7.58 -16.11
CA VAL A 190 15.46 8.49 -16.25
C VAL A 190 14.32 7.98 -15.36
N VAL A 191 13.77 8.88 -14.56
CA VAL A 191 12.87 8.53 -13.46
C VAL A 191 11.44 8.29 -13.98
N HIS A 192 10.79 7.25 -13.48
CA HIS A 192 9.42 6.90 -13.84
C HIS A 192 8.53 6.90 -12.61
N ASN A 193 7.24 7.18 -12.81
CA ASN A 193 6.23 7.06 -11.77
C ASN A 193 5.63 5.65 -11.83
N ILE A 194 5.51 5.00 -10.70
CA ILE A 194 5.03 3.63 -10.63
C ILE A 194 3.70 3.59 -9.87
N ASN A 195 2.74 2.84 -10.41
CA ASN A 195 1.48 2.63 -9.69
C ASN A 195 1.80 2.07 -8.30
N ALA A 196 1.21 2.67 -7.27
CA ALA A 196 1.57 2.34 -5.89
C ALA A 196 1.08 0.96 -5.47
N ASP A 197 -0.06 0.51 -6.00
CA ASP A 197 -0.56 -0.83 -5.67
C ASP A 197 0.41 -1.90 -6.16
N THR A 198 0.82 -1.82 -7.42
CA THR A 198 1.77 -2.82 -7.93
C THR A 198 3.15 -2.65 -7.29
N ALA A 199 3.59 -1.42 -7.00
CA ALA A 199 4.85 -1.26 -6.29
C ALA A 199 4.82 -1.96 -4.94
N ALA A 200 3.68 -1.91 -4.24
CA ALA A 200 3.63 -2.50 -2.90
C ALA A 200 3.78 -4.01 -2.99
N ALA A 201 3.13 -4.63 -3.98
CA ALA A 201 3.28 -6.06 -4.19
C ALA A 201 4.72 -6.43 -4.52
N ALA A 202 5.39 -5.64 -5.38
CA ALA A 202 6.77 -5.97 -5.71
C ALA A 202 7.69 -5.84 -4.50
N VAL A 203 7.48 -4.79 -3.69
CA VAL A 203 8.30 -4.60 -2.49
C VAL A 203 8.05 -5.74 -1.51
N ALA A 204 6.79 -6.07 -1.27
CA ALA A 204 6.49 -7.14 -0.34
C ALA A 204 7.15 -8.45 -0.77
N GLU A 205 7.17 -8.72 -2.08
CA GLU A 205 7.81 -9.94 -2.54
C GLU A 205 9.32 -9.87 -2.40
N ALA A 206 9.93 -8.74 -2.75
CA ALA A 206 11.38 -8.64 -2.65
C ALA A 206 11.86 -8.74 -1.21
N LEU A 207 11.14 -8.14 -0.27
CA LEU A 207 11.58 -8.11 1.13
C LEU A 207 11.24 -9.38 1.90
N GLY A 208 10.61 -10.37 1.28
CA GLY A 208 10.14 -11.51 2.04
C GLY A 208 9.13 -11.14 3.12
N ALA A 209 8.21 -10.22 2.81
CA ALA A 209 7.22 -9.81 3.80
C ALA A 209 6.37 -10.98 4.26
N GLU A 210 5.97 -10.93 5.54
CA GLU A 210 5.03 -11.93 6.08
C GLU A 210 3.61 -11.64 5.62
N LYS A 211 3.24 -10.36 5.54
CA LYS A 211 1.92 -9.96 5.07
C LYS A 211 2.05 -8.73 4.19
N LEU A 212 1.16 -8.64 3.20
CA LEU A 212 0.90 -7.39 2.50
C LEU A 212 -0.50 -6.94 2.88
N LEU A 213 -0.65 -5.70 3.33
CA LEU A 213 -1.94 -5.07 3.60
C LEU A 213 -2.22 -4.02 2.55
N MET A 214 -3.45 -4.02 2.02
CA MET A 214 -3.88 -3.03 1.02
C MET A 214 -5.06 -2.24 1.56
N LEU A 215 -4.82 -1.01 2.03
CA LEU A 215 -5.93 -0.18 2.49
C LEU A 215 -6.73 0.34 1.30
N THR A 216 -8.03 0.11 1.31
CA THR A 216 -8.93 0.52 0.25
C THR A 216 -10.22 1.03 0.89
N ASP A 217 -11.12 1.55 0.05
CA ASP A 217 -12.36 2.16 0.51
C ASP A 217 -13.55 1.22 0.31
N ILE A 218 -13.49 -0.02 0.80
CA ILE A 218 -14.60 -0.95 0.72
C ILE A 218 -14.46 -1.96 1.86
N ASP A 219 -15.56 -2.67 2.15
CA ASP A 219 -15.54 -3.67 3.22
C ASP A 219 -14.54 -4.78 2.90
N GLY A 220 -14.51 -5.19 1.65
CA GLY A 220 -13.72 -6.32 1.21
C GLY A 220 -14.24 -6.77 -0.14
N LEU A 221 -13.70 -7.91 -0.58
CA LEU A 221 -14.00 -8.43 -1.91
C LEU A 221 -15.42 -8.97 -1.96
N TYR A 222 -16.24 -8.35 -2.79
CA TYR A 222 -17.52 -8.91 -3.20
C TYR A 222 -17.32 -9.67 -4.49
N THR A 223 -17.93 -10.86 -4.59
CA THR A 223 -17.80 -11.65 -5.80
C THR A 223 -18.83 -11.23 -6.86
N ARG A 224 -20.07 -11.12 -6.43
CA ARG A 224 -21.16 -10.70 -7.27
C ARG A 224 -21.68 -9.34 -6.79
N TRP A 225 -20.83 -8.33 -6.85
CA TRP A 225 -21.27 -7.00 -6.43
C TRP A 225 -22.44 -6.56 -7.31
N PRO A 226 -23.50 -6.01 -6.69
CA PRO A 226 -23.62 -5.65 -5.28
C PRO A 226 -24.46 -6.58 -4.37
N ASP A 227 -24.48 -7.90 -4.58
CA ASP A 227 -25.09 -8.80 -3.62
C ASP A 227 -24.33 -8.71 -2.30
N ARG A 228 -25.06 -8.44 -1.20
CA ARG A 228 -24.40 -8.36 0.10
C ARG A 228 -23.91 -9.72 0.56
N ASP A 229 -24.69 -10.78 0.27
CA ASP A 229 -24.31 -12.14 0.61
C ASP A 229 -23.08 -12.62 -0.16
N SER A 230 -22.61 -11.86 -1.15
CA SER A 230 -21.50 -12.26 -2.01
C SER A 230 -20.14 -11.89 -1.45
N LEU A 231 -20.09 -11.26 -0.28
CA LEU A 231 -18.82 -10.84 0.30
C LEU A 231 -18.09 -12.04 0.89
N VAL A 232 -16.80 -12.14 0.60
CA VAL A 232 -15.97 -13.26 1.04
C VAL A 232 -14.92 -12.74 2.03
N SER A 233 -14.44 -13.63 2.90
CA SER A 233 -13.42 -13.23 3.87
C SER A 233 -12.07 -13.91 3.66
N GLU A 234 -12.03 -15.07 3.01
CA GLU A 234 -10.78 -15.69 2.61
C GLU A 234 -10.96 -16.30 1.22
N ILE A 235 -9.90 -16.21 0.40
CA ILE A 235 -9.98 -16.66 -0.99
C ILE A 235 -8.58 -17.10 -1.41
N ASP A 236 -8.50 -18.22 -2.14
CA ASP A 236 -7.20 -18.60 -2.67
C ASP A 236 -6.97 -17.98 -4.05
N THR A 237 -5.69 -17.86 -4.43
CA THR A 237 -5.33 -17.14 -5.64
C THR A 237 -5.88 -17.78 -6.90
N GLY A 238 -6.00 -19.11 -6.94
CA GLY A 238 -6.59 -19.74 -8.12
C GLY A 238 -8.00 -19.25 -8.36
N THR A 239 -8.84 -19.30 -7.32
CA THR A 239 -10.21 -18.82 -7.45
C THR A 239 -10.23 -17.32 -7.70
N LEU A 240 -9.33 -16.59 -7.06
CA LEU A 240 -9.32 -15.13 -7.20
C LEU A 240 -8.89 -14.70 -8.60
N ALA A 241 -7.89 -15.39 -9.17
CA ALA A 241 -7.35 -15.01 -10.47
C ALA A 241 -8.42 -15.11 -11.55
N GLN A 242 -9.31 -16.09 -11.44
CA GLN A 242 -10.32 -16.22 -12.47
C GLN A 242 -11.53 -15.33 -12.20
N LEU A 243 -11.65 -14.81 -10.99
CA LEU A 243 -12.71 -13.87 -10.70
C LEU A 243 -12.35 -12.44 -11.15
N LEU A 244 -11.05 -12.18 -11.33
CA LEU A 244 -10.56 -10.86 -11.75
C LEU A 244 -11.33 -10.22 -12.90
N PRO A 245 -11.59 -10.90 -14.04
CA PRO A 245 -12.26 -10.17 -15.14
C PRO A 245 -13.69 -9.70 -14.89
N THR A 246 -14.24 -9.91 -13.68
CA THR A 246 -15.63 -9.55 -13.44
C THR A 246 -15.79 -8.26 -12.63
N LEU A 247 -14.79 -7.90 -11.81
CA LEU A 247 -14.97 -6.88 -10.78
C LEU A 247 -14.82 -5.46 -11.30
N GLU A 248 -15.28 -4.52 -10.47
CA GLU A 248 -15.22 -3.09 -10.79
C GLU A 248 -13.79 -2.67 -11.08
N SER A 249 -13.67 -1.66 -11.95
CA SER A 249 -12.36 -1.16 -12.36
C SER A 249 -11.53 -0.69 -11.17
N GLY A 250 -12.18 -0.20 -10.11
CA GLY A 250 -11.43 0.22 -8.94
C GLY A 250 -10.78 -0.91 -8.18
N MET A 251 -11.34 -2.11 -8.30
CA MET A 251 -10.84 -3.22 -7.51
C MET A 251 -9.69 -3.97 -8.16
N VAL A 252 -9.54 -3.90 -9.49
CA VAL A 252 -8.58 -4.77 -10.16
C VAL A 252 -7.15 -4.47 -9.75
N PRO A 253 -6.67 -3.21 -9.66
CA PRO A 253 -5.27 -3.04 -9.28
C PRO A 253 -4.95 -3.62 -7.91
N LYS A 254 -5.90 -3.55 -6.98
CA LYS A 254 -5.69 -4.12 -5.66
C LYS A 254 -5.66 -5.65 -5.69
N VAL A 255 -6.46 -6.27 -6.56
CA VAL A 255 -6.49 -7.74 -6.64
C VAL A 255 -5.25 -8.27 -7.33
N GLU A 256 -4.82 -7.59 -8.40
CA GLU A 256 -3.60 -7.98 -9.09
C GLU A 256 -2.39 -7.88 -8.16
N ALA A 257 -2.36 -6.86 -7.31
CA ALA A 257 -1.28 -6.76 -6.34
C ALA A 257 -1.25 -7.97 -5.41
N CYS A 258 -2.41 -8.32 -4.85
CA CYS A 258 -2.47 -9.47 -3.95
C CYS A 258 -2.09 -10.76 -4.67
N LEU A 259 -2.58 -10.94 -5.90
CA LEU A 259 -2.22 -12.12 -6.67
C LEU A 259 -0.72 -12.22 -6.87
N ARG A 260 -0.11 -11.13 -7.37
CA ARG A 260 1.31 -11.14 -7.65
C ARG A 260 2.15 -11.33 -6.39
N ALA A 261 1.68 -10.79 -5.26
CA ALA A 261 2.43 -10.92 -4.01
C ALA A 261 2.35 -12.33 -3.47
N VAL A 262 1.12 -12.86 -3.38
CA VAL A 262 0.94 -14.19 -2.80
C VAL A 262 1.53 -15.26 -3.72
N ILE A 263 1.38 -15.11 -5.04
CA ILE A 263 2.05 -16.03 -5.96
C ILE A 263 3.56 -15.94 -5.77
N GLY A 264 4.06 -14.74 -5.50
CA GLY A 264 5.47 -14.54 -5.27
C GLY A 264 5.97 -15.05 -3.94
N GLY A 265 5.11 -15.66 -3.13
CA GLY A 265 5.54 -16.29 -1.90
C GLY A 265 5.21 -15.53 -0.63
N VAL A 266 4.68 -14.31 -0.72
CA VAL A 266 4.19 -13.68 0.50
C VAL A 266 3.04 -14.50 1.05
N PRO A 267 3.08 -14.93 2.32
CA PRO A 267 2.08 -15.90 2.81
C PRO A 267 0.65 -15.41 2.73
N SER A 268 0.36 -14.15 3.03
CA SER A 268 -1.00 -13.67 2.86
C SER A 268 -1.02 -12.19 2.51
N ALA A 269 -1.88 -11.82 1.57
CA ALA A 269 -2.21 -10.44 1.28
C ALA A 269 -3.65 -10.17 1.71
N HIS A 270 -3.90 -8.95 2.18
CA HIS A 270 -5.20 -8.61 2.76
C HIS A 270 -5.72 -7.33 2.14
N ILE A 271 -7.00 -7.35 1.78
CA ILE A 271 -7.71 -6.16 1.33
C ILE A 271 -8.59 -5.72 2.50
N ILE A 272 -8.29 -4.56 3.10
CA ILE A 272 -8.97 -4.15 4.33
C ILE A 272 -9.58 -2.77 4.17
N ASP A 273 -10.56 -2.49 5.03
CA ASP A 273 -11.38 -1.27 4.96
C ASP A 273 -10.63 -0.08 5.57
N GLY A 274 -10.05 0.76 4.72
CA GLY A 274 -9.34 1.95 5.18
C GLY A 274 -10.21 3.04 5.80
N ARG A 275 -11.52 2.91 5.71
CA ARG A 275 -12.43 3.86 6.37
C ARG A 275 -12.65 3.55 7.84
N VAL A 276 -12.08 2.45 8.33
CA VAL A 276 -12.20 2.01 9.72
C VAL A 276 -10.99 2.50 10.51
N THR A 277 -11.25 3.25 11.58
CA THR A 277 -10.17 3.70 12.45
C THR A 277 -9.40 2.52 13.02
N HIS A 278 -8.07 2.60 12.89
CA HIS A 278 -7.16 1.54 13.36
C HIS A 278 -7.40 0.22 12.63
N CYS A 279 -7.77 0.30 11.35
CA CYS A 279 -8.01 -0.91 10.57
C CYS A 279 -6.80 -1.84 10.59
N VAL A 280 -5.58 -1.27 10.58
CA VAL A 280 -4.37 -2.10 10.67
C VAL A 280 -4.37 -2.92 11.96
N LEU A 281 -4.68 -2.28 13.10
CA LEU A 281 -4.72 -3.04 14.36
C LEU A 281 -5.79 -4.13 14.34
N VAL A 282 -6.96 -3.85 13.76
CA VAL A 282 -8.01 -4.86 13.81
C VAL A 282 -7.66 -6.04 12.91
N GLU A 283 -7.03 -5.76 11.76
CA GLU A 283 -6.71 -6.83 10.83
C GLU A 283 -5.62 -7.74 11.38
N LEU A 284 -4.61 -7.17 12.04
CA LEU A 284 -3.44 -7.94 12.45
C LEU A 284 -3.60 -8.59 13.81
N PHE A 285 -4.33 -7.98 14.74
CA PHE A 285 -4.33 -8.45 16.12
C PHE A 285 -5.68 -8.94 16.60
N THR A 286 -6.65 -9.07 15.70
CA THR A 286 -8.02 -9.41 16.05
C THR A 286 -8.57 -10.36 15.00
N ASP A 287 -9.47 -11.25 15.41
CA ASP A 287 -10.15 -12.16 14.49
C ASP A 287 -11.44 -11.56 13.93
N ALA A 288 -11.69 -10.29 14.19
CA ALA A 288 -12.90 -9.62 13.79
C ALA A 288 -12.67 -8.69 12.60
N GLY A 289 -11.59 -8.91 11.86
CA GLY A 289 -11.31 -8.09 10.71
C GLY A 289 -12.42 -8.15 9.68
N THR A 290 -12.66 -7.01 9.04
CA THR A 290 -13.62 -6.91 7.95
C THR A 290 -13.05 -7.33 6.61
N GLY A 291 -11.73 -7.30 6.44
CA GLY A 291 -11.13 -7.47 5.14
C GLY A 291 -11.30 -8.88 4.60
N THR A 292 -10.63 -9.12 3.47
CA THR A 292 -10.56 -10.44 2.86
C THR A 292 -9.10 -10.84 2.69
N LYS A 293 -8.77 -12.06 3.11
CA LYS A 293 -7.40 -12.58 3.11
C LYS A 293 -7.19 -13.46 1.88
N VAL A 294 -6.06 -13.24 1.18
CA VAL A 294 -5.70 -14.03 0.00
C VAL A 294 -4.52 -14.94 0.35
N VAL A 295 -4.67 -16.26 0.10
CA VAL A 295 -3.61 -17.25 0.31
C VAL A 295 -3.37 -18.04 -0.97
N ARG A 296 -2.23 -18.71 -1.03
CA ARG A 296 -1.82 -19.44 -2.21
C ARG A 296 -2.71 -20.65 -2.47
N GLY A 297 -2.89 -20.98 -3.73
CA GLY A 297 -3.67 -22.14 -4.11
C GLY A 297 -4.12 -22.14 -5.56
#